data_5HAI
#
_entry.id   5HAI
#
_cell.length_a   61.860
_cell.length_b   69.430
_cell.length_c   78.140
_cell.angle_alpha   90.00
_cell.angle_beta   90.00
_cell.angle_gamma   90.00
#
_symmetry.space_group_name_H-M   'P 2 21 21'
#
loop_
_entity.id
_entity.type
_entity.pdbx_description
1 polymer Beta-lactamase
2 non-polymer 'PHOSPHATE ION'
3 water water
#
_entity_poly.entity_id   1
_entity_poly.type   'polypeptide(L)'
_entity_poly.pdbx_seq_one_letter_code
;TPVSEKQLAEVVANTITPLMKAQSVPGMAVAVIYQGKPHYYTFGKADIAANKPVTPQTLFELGGISKTFTGVLGGDAIAR
GEISLDDAVTRYWPQLTGKQWQGIRMLDLATYTAGGLPLQVPDEVTDNASLLRFYQNWQPQWKPGTTRLYANASIGLFGA
LAVKPSGMPYEQAMTTRVLKPLKLDHTWINVPKAEEAHYAWGYRDGKAVRVSPGMLDAQAYGVKTNVQDMANWVMANMAP
ENVADASLKQGIALAQSRYWRIGSMYQGLGWEMLNWPVEANTVVEGSDSKVALAPLPVAEVNPPAPPVKASWVHKTGSTG
GFGSYVAFIPEKQIGIVMLANTSYPNPARVEAAYHILEALQ
;
_entity_poly.pdbx_strand_id   A
#
# COMPACT_ATOMS: atom_id res chain seq x y z
N PRO A 2 6.38 -26.12 -11.81
CA PRO A 2 6.10 -27.01 -12.93
C PRO A 2 4.95 -26.56 -13.82
N VAL A 3 4.91 -25.29 -14.20
CA VAL A 3 3.90 -24.74 -15.12
C VAL A 3 4.66 -23.91 -16.13
N SER A 4 4.11 -23.82 -17.35
CA SER A 4 4.75 -23.14 -18.45
C SER A 4 4.61 -21.66 -18.45
N GLU A 5 5.62 -20.98 -18.92
CA GLU A 5 5.58 -19.55 -19.00
C GLU A 5 4.50 -19.18 -19.95
N LYS A 6 4.36 -20.02 -20.97
CA LYS A 6 3.45 -19.83 -22.08
C LYS A 6 2.03 -20.05 -21.73
N GLN A 7 1.79 -20.93 -20.78
CA GLN A 7 0.45 -21.20 -20.37
C GLN A 7 0.07 -20.31 -19.24
N LEU A 8 1.07 -19.73 -18.64
CA LEU A 8 0.83 -18.79 -17.59
C LEU A 8 0.36 -17.54 -18.25
N ALA A 9 0.74 -17.35 -19.49
CA ALA A 9 0.32 -16.20 -20.23
C ALA A 9 -1.17 -16.22 -20.53
N GLU A 10 -1.68 -17.39 -20.87
CA GLU A 10 -3.08 -17.59 -21.17
C GLU A 10 -4.00 -17.38 -20.02
N VAL A 11 -3.59 -17.89 -18.89
CA VAL A 11 -4.30 -17.78 -17.66
C VAL A 11 -4.35 -16.33 -17.30
N VAL A 12 -3.33 -15.57 -17.62
CA VAL A 12 -3.34 -14.18 -17.29
C VAL A 12 -4.29 -13.48 -18.20
N ALA A 13 -4.16 -13.76 -19.48
CA ALA A 13 -5.00 -13.18 -20.51
C ALA A 13 -6.39 -13.69 -20.39
N ASN A 14 -6.52 -14.94 -20.04
CA ASN A 14 -7.80 -15.55 -19.88
C ASN A 14 -8.57 -15.02 -18.73
N THR A 15 -7.89 -14.39 -17.80
CA THR A 15 -8.47 -13.86 -16.62
C THR A 15 -8.53 -12.36 -16.66
N ILE A 16 -7.48 -11.77 -17.19
CA ILE A 16 -7.38 -10.34 -17.23
C ILE A 16 -8.21 -9.63 -18.25
N THR A 17 -8.25 -10.17 -19.46
CA THR A 17 -8.99 -9.63 -20.59
C THR A 17 -10.45 -9.54 -20.35
N PRO A 18 -10.96 -10.58 -19.79
CA PRO A 18 -12.37 -10.63 -19.51
C PRO A 18 -12.73 -9.60 -18.44
N LEU A 19 -11.90 -9.47 -17.44
CA LEU A 19 -12.07 -8.54 -16.36
C LEU A 19 -12.11 -7.12 -16.87
N MET A 20 -11.22 -6.80 -17.76
CA MET A 20 -11.13 -5.48 -18.33
C MET A 20 -12.40 -5.11 -19.05
N LYS A 21 -12.99 -6.10 -19.67
CA LYS A 21 -14.22 -5.97 -20.40
C LYS A 21 -15.42 -5.75 -19.49
N ALA A 22 -15.53 -6.55 -18.45
CA ALA A 22 -16.61 -6.42 -17.53
C ALA A 22 -16.51 -5.25 -16.59
N GLN A 23 -15.33 -4.69 -16.43
CA GLN A 23 -15.11 -3.59 -15.54
C GLN A 23 -14.76 -2.32 -16.22
N SER A 24 -14.58 -2.36 -17.52
CA SER A 24 -14.25 -1.20 -18.32
C SER A 24 -12.96 -0.48 -18.02
N VAL A 25 -11.91 -1.25 -17.94
CA VAL A 25 -10.59 -0.79 -17.66
C VAL A 25 -9.90 -0.67 -18.96
N PRO A 26 -9.33 0.46 -19.27
CA PRO A 26 -8.67 0.60 -20.54
C PRO A 26 -7.30 0.03 -20.57
N GLY A 27 -6.50 0.08 -19.54
CA GLY A 27 -5.19 -0.50 -19.62
C GLY A 27 -4.79 -1.15 -18.34
N MET A 28 -3.98 -2.17 -18.41
CA MET A 28 -3.58 -2.86 -17.23
C MET A 28 -2.22 -3.50 -17.35
N ALA A 29 -1.36 -3.27 -16.39
CA ALA A 29 -0.04 -3.90 -16.40
C ALA A 29 0.05 -4.96 -15.35
N VAL A 30 0.41 -6.15 -15.76
CA VAL A 30 0.52 -7.28 -14.87
C VAL A 30 1.88 -7.88 -14.83
N ALA A 31 2.22 -8.27 -13.61
CA ALA A 31 3.44 -8.93 -13.28
C ALA A 31 3.15 -10.13 -12.44
N VAL A 32 3.65 -11.28 -12.82
CA VAL A 32 3.48 -12.46 -12.05
C VAL A 32 4.87 -12.85 -11.71
N ILE A 33 5.16 -13.01 -10.44
CA ILE A 33 6.45 -13.41 -9.93
C ILE A 33 6.45 -14.90 -9.70
N TYR A 34 7.30 -15.59 -10.43
CA TYR A 34 7.39 -17.02 -10.36
C TYR A 34 8.80 -17.49 -10.44
N GLN A 35 9.28 -18.16 -9.42
CA GLN A 35 10.61 -18.74 -9.40
C GLN A 35 11.73 -17.76 -9.45
N GLY A 36 11.64 -16.77 -8.61
CA GLY A 36 12.64 -15.74 -8.50
C GLY A 36 12.73 -14.72 -9.58
N LYS A 37 11.77 -14.70 -10.47
CA LYS A 37 11.82 -13.77 -11.54
C LYS A 37 10.46 -13.30 -12.00
N PRO A 38 10.38 -12.08 -12.50
CA PRO A 38 9.13 -11.51 -12.96
C PRO A 38 8.76 -11.71 -14.44
N HIS A 39 7.49 -11.85 -14.67
CA HIS A 39 6.93 -12.03 -15.96
C HIS A 39 5.93 -10.96 -16.17
N TYR A 40 6.14 -10.11 -17.15
CA TYR A 40 5.22 -9.03 -17.40
C TYR A 40 4.27 -9.25 -18.52
N TYR A 41 3.09 -8.69 -18.34
CA TYR A 41 2.01 -8.75 -19.28
C TYR A 41 1.38 -7.39 -19.33
N THR A 42 1.18 -6.84 -20.50
CA THR A 42 0.57 -5.55 -20.65
C THR A 42 -0.65 -5.65 -21.51
N PHE A 43 -1.68 -4.90 -21.17
CA PHE A 43 -2.93 -4.87 -21.89
C PHE A 43 -3.53 -3.51 -21.86
N GLY A 44 -4.01 -3.02 -22.97
CA GLY A 44 -4.65 -1.74 -23.00
C GLY A 44 -3.92 -0.51 -23.38
N LYS A 45 -4.63 0.60 -23.29
CA LYS A 45 -4.11 1.91 -23.61
C LYS A 45 -3.83 2.66 -22.37
N ALA A 46 -2.74 3.41 -22.35
CA ALA A 46 -2.44 4.18 -21.20
C ALA A 46 -3.09 5.54 -21.36
N ASP A 47 -3.36 5.93 -22.60
CA ASP A 47 -3.98 7.16 -22.97
C ASP A 47 -4.82 6.73 -24.08
N ILE A 48 -6.09 7.02 -24.03
CA ILE A 48 -7.02 6.63 -25.05
C ILE A 48 -7.07 7.52 -26.28
N ALA A 49 -7.10 8.80 -26.07
CA ALA A 49 -7.16 9.68 -27.17
C ALA A 49 -5.86 9.73 -27.91
N ALA A 50 -4.77 9.51 -27.20
CA ALA A 50 -3.45 9.52 -27.76
C ALA A 50 -3.10 8.17 -28.31
N ASN A 51 -3.85 7.20 -27.89
CA ASN A 51 -3.62 5.84 -28.30
C ASN A 51 -2.32 5.20 -27.85
N LYS A 52 -1.98 5.43 -26.61
CA LYS A 52 -0.77 4.92 -26.04
C LYS A 52 -0.97 3.61 -25.32
N PRO A 53 -0.16 2.59 -25.76
CA PRO A 53 -0.36 1.33 -25.08
C PRO A 53 0.23 1.34 -23.73
N VAL A 54 -0.20 0.43 -22.88
CA VAL A 54 0.35 0.31 -21.58
C VAL A 54 1.57 -0.48 -21.86
N THR A 55 2.66 -0.12 -21.23
CA THR A 55 3.90 -0.79 -21.37
C THR A 55 4.49 -1.07 -20.00
N PRO A 56 5.65 -1.68 -19.95
CA PRO A 56 6.28 -1.93 -18.66
C PRO A 56 6.90 -0.71 -18.04
N GLN A 57 6.64 0.46 -18.56
CA GLN A 57 7.21 1.65 -18.02
C GLN A 57 6.22 2.70 -17.73
N THR A 58 4.98 2.40 -18.03
CA THR A 58 3.84 3.20 -17.78
C THR A 58 3.67 3.40 -16.30
N LEU A 59 3.40 4.59 -15.90
CA LEU A 59 3.20 4.87 -14.53
C LEU A 59 1.76 4.88 -14.19
N PHE A 60 1.45 4.29 -13.04
CA PHE A 60 0.13 4.22 -12.52
C PHE A 60 0.15 4.76 -11.16
N GLU A 61 -1.02 5.06 -10.68
CA GLU A 61 -1.19 5.53 -9.37
C GLU A 61 -1.49 4.37 -8.47
N LEU A 62 -0.68 4.20 -7.45
CA LEU A 62 -0.81 3.12 -6.48
C LEU A 62 -1.86 3.29 -5.41
N GLY A 63 -2.36 4.48 -5.22
CA GLY A 63 -3.32 4.66 -4.19
C GLY A 63 -2.86 4.18 -2.85
N GLY A 64 -3.60 3.25 -2.30
CA GLY A 64 -3.32 2.77 -1.00
C GLY A 64 -2.19 1.86 -0.88
N ILE A 65 -1.60 1.49 -1.98
CA ILE A 65 -0.44 0.62 -1.94
C ILE A 65 0.77 1.44 -1.53
N SER A 66 0.59 2.72 -1.43
CA SER A 66 1.64 3.59 -1.06
C SER A 66 1.97 3.47 0.37
N LYS A 67 1.03 2.94 1.12
CA LYS A 67 1.11 2.73 2.53
C LYS A 67 2.04 1.65 2.90
N THR A 68 2.38 0.80 1.97
CA THR A 68 3.32 -0.26 2.23
C THR A 68 4.73 0.28 2.15
N PHE A 69 4.89 1.42 1.52
CA PHE A 69 6.16 2.07 1.44
C PHE A 69 6.40 2.83 2.74
N THR A 70 5.32 3.40 3.25
CA THR A 70 5.23 4.16 4.46
C THR A 70 5.55 3.30 5.67
N GLY A 71 5.03 2.11 5.70
CA GLY A 71 5.29 1.21 6.79
C GLY A 71 6.65 0.61 6.80
N VAL A 72 7.20 0.44 5.63
CA VAL A 72 8.49 -0.11 5.51
C VAL A 72 9.47 0.98 5.81
N LEU A 73 9.16 2.20 5.41
CA LEU A 73 9.98 3.35 5.66
C LEU A 73 10.02 3.57 7.13
N GLY A 74 8.90 3.29 7.75
CA GLY A 74 8.78 3.36 9.18
C GLY A 74 9.45 2.24 9.92
N GLY A 75 9.37 1.02 9.45
CA GLY A 75 10.03 -0.09 10.09
C GLY A 75 11.50 0.09 9.95
N ASP A 76 11.92 0.80 8.95
CA ASP A 76 13.30 1.10 8.69
C ASP A 76 13.87 2.01 9.71
N ALA A 77 13.07 2.92 10.19
CA ALA A 77 13.45 3.86 11.19
C ALA A 77 13.48 3.23 12.57
N ILE A 78 12.68 2.21 12.80
CA ILE A 78 12.66 1.49 14.02
C ILE A 78 13.96 0.75 14.12
N ALA A 79 14.44 0.34 12.98
CA ALA A 79 15.64 -0.39 12.85
C ALA A 79 16.88 0.46 12.97
N ARG A 80 16.75 1.72 12.71
CA ARG A 80 17.85 2.62 12.80
C ARG A 80 18.03 3.12 14.20
N GLY A 81 16.98 3.01 14.99
CA GLY A 81 16.98 3.40 16.36
C GLY A 81 16.32 4.71 16.59
N GLU A 82 15.81 5.25 15.52
CA GLU A 82 15.16 6.52 15.48
C GLU A 82 13.78 6.59 16.11
N ILE A 83 12.94 5.62 15.86
CA ILE A 83 11.63 5.63 16.39
C ILE A 83 11.23 4.31 16.98
N SER A 84 10.11 4.31 17.67
CA SER A 84 9.56 3.16 18.28
C SER A 84 8.08 3.27 18.08
N LEU A 85 7.43 2.14 17.92
CA LEU A 85 6.03 2.04 17.69
C LEU A 85 5.16 2.24 18.87
N ASP A 86 5.69 2.11 20.04
CA ASP A 86 4.87 2.30 21.16
C ASP A 86 5.34 3.47 21.98
N ASP A 87 5.79 4.46 21.24
CA ASP A 87 6.23 5.73 21.69
C ASP A 87 4.99 6.51 21.49
N ALA A 88 4.81 7.56 22.25
CA ALA A 88 3.66 8.40 22.12
C ALA A 88 3.76 9.22 20.87
N VAL A 89 2.65 9.54 20.27
CA VAL A 89 2.64 10.36 19.11
C VAL A 89 3.12 11.71 19.54
N THR A 90 2.89 12.08 20.77
CA THR A 90 3.32 13.37 21.25
C THR A 90 4.80 13.54 21.43
N ARG A 91 5.51 12.47 21.25
CA ARG A 91 6.94 12.49 21.36
C ARG A 91 7.55 13.01 20.06
N TYR A 92 6.82 12.87 18.97
CA TYR A 92 7.30 13.32 17.68
C TYR A 92 6.60 14.60 17.26
N TRP A 93 5.49 14.89 17.89
CA TRP A 93 4.79 16.13 17.66
C TRP A 93 4.47 16.65 19.01
N PRO A 94 5.36 17.44 19.59
CA PRO A 94 5.17 17.97 20.93
C PRO A 94 4.02 18.95 21.14
N GLN A 95 3.54 19.53 20.08
CA GLN A 95 2.52 20.47 20.12
C GLN A 95 1.17 19.87 20.15
N LEU A 96 1.09 18.57 20.11
CA LEU A 96 -0.14 17.88 20.21
C LEU A 96 -0.43 17.77 21.67
N THR A 97 -0.75 18.87 22.29
CA THR A 97 -0.98 18.93 23.71
C THR A 97 -2.34 18.54 24.21
N GLY A 98 -3.28 18.30 23.33
CA GLY A 98 -4.61 17.94 23.78
C GLY A 98 -4.55 16.65 24.54
N LYS A 99 -5.28 16.53 25.62
CA LYS A 99 -5.23 15.35 26.43
C LYS A 99 -5.69 14.05 25.81
N GLN A 100 -6.34 14.12 24.68
CA GLN A 100 -6.83 12.93 24.03
C GLN A 100 -5.78 12.15 23.31
N TRP A 101 -4.62 12.74 23.14
CA TRP A 101 -3.56 12.09 22.47
C TRP A 101 -2.67 11.35 23.40
N GLN A 102 -3.06 11.24 24.65
CA GLN A 102 -2.33 10.53 25.69
C GLN A 102 -2.75 9.12 25.53
N GLY A 103 -1.82 8.21 25.43
CA GLY A 103 -2.18 6.85 25.27
C GLY A 103 -2.09 6.36 23.87
N ILE A 104 -2.04 7.28 22.92
CA ILE A 104 -1.95 6.93 21.53
C ILE A 104 -0.52 6.83 21.15
N ARG A 105 -0.20 5.79 20.42
CA ARG A 105 1.13 5.54 20.03
C ARG A 105 1.30 5.57 18.56
N MET A 106 2.53 5.58 18.17
CA MET A 106 2.84 5.61 16.79
C MET A 106 2.27 4.42 16.07
N LEU A 107 2.18 3.30 16.75
CA LEU A 107 1.64 2.08 16.21
C LEU A 107 0.17 2.23 15.90
N ASP A 108 -0.53 2.95 16.72
CA ASP A 108 -1.93 3.20 16.54
C ASP A 108 -2.16 3.99 15.30
N LEU A 109 -1.29 4.92 15.06
CA LEU A 109 -1.36 5.72 13.88
C LEU A 109 -1.24 4.92 12.59
N ALA A 110 -0.25 4.07 12.50
CA ALA A 110 0.04 3.27 11.35
C ALA A 110 -0.87 2.06 11.07
N THR A 111 -1.45 1.55 12.13
CA THR A 111 -2.33 0.42 12.10
C THR A 111 -3.80 0.77 12.19
N TYR A 112 -4.10 2.05 12.14
CA TYR A 112 -5.45 2.63 12.20
C TYR A 112 -6.27 2.40 13.45
N THR A 113 -5.64 2.41 14.60
CA THR A 113 -6.31 2.14 15.84
C THR A 113 -6.34 3.22 16.89
N ALA A 114 -5.86 4.38 16.53
CA ALA A 114 -5.81 5.51 17.40
C ALA A 114 -7.13 5.89 18.06
N GLY A 115 -8.23 5.52 17.44
CA GLY A 115 -9.52 5.76 18.01
C GLY A 115 -10.56 6.44 17.22
N GLY A 116 -10.53 6.29 15.93
CA GLY A 116 -11.51 6.91 15.10
C GLY A 116 -11.12 8.10 14.27
N LEU A 117 -9.86 8.19 13.92
CA LEU A 117 -9.34 9.26 13.15
C LEU A 117 -10.01 9.05 11.87
N PRO A 118 -10.38 10.10 11.16
CA PRO A 118 -11.12 9.91 9.93
C PRO A 118 -10.38 9.52 8.68
N LEU A 119 -11.10 9.03 7.71
CA LEU A 119 -10.53 8.58 6.48
C LEU A 119 -9.67 9.58 5.75
N GLN A 120 -10.11 10.82 5.65
CA GLN A 120 -9.35 11.82 5.00
C GLN A 120 -8.88 12.88 5.93
N VAL A 121 -8.00 13.72 5.46
CA VAL A 121 -7.51 14.85 6.16
C VAL A 121 -8.38 15.76 5.41
N PRO A 122 -9.08 16.65 6.06
CA PRO A 122 -9.96 17.55 5.33
C PRO A 122 -9.21 18.51 4.46
N ASP A 123 -9.77 18.76 3.30
CA ASP A 123 -9.19 19.63 2.33
C ASP A 123 -8.97 21.07 2.73
N GLU A 124 -9.52 21.50 3.85
CA GLU A 124 -9.24 22.85 4.25
C GLU A 124 -8.05 22.96 5.10
N VAL A 125 -7.33 21.86 5.17
CA VAL A 125 -6.07 21.77 5.86
C VAL A 125 -5.06 22.01 4.78
N THR A 126 -4.44 23.17 4.85
CA THR A 126 -3.46 23.63 3.89
C THR A 126 -2.00 23.72 4.35
N ASP A 127 -1.75 23.62 5.63
CA ASP A 127 -0.39 23.72 6.10
C ASP A 127 -0.28 23.03 7.41
N ASN A 128 0.89 23.12 8.03
CA ASN A 128 1.11 22.47 9.28
C ASN A 128 0.32 22.99 10.42
N ALA A 129 0.03 24.26 10.39
CA ALA A 129 -0.73 24.90 11.44
C ALA A 129 -2.18 24.52 11.44
N SER A 130 -2.76 24.26 10.29
CA SER A 130 -4.12 23.83 10.22
C SER A 130 -4.16 22.35 10.41
N LEU A 131 -3.04 21.69 10.27
CA LEU A 131 -2.94 20.28 10.49
C LEU A 131 -2.76 20.01 11.96
N LEU A 132 -2.22 20.95 12.68
CA LEU A 132 -2.07 20.80 14.09
C LEU A 132 -3.40 21.02 14.68
N ARG A 133 -4.12 21.96 14.13
CA ARG A 133 -5.43 22.33 14.59
C ARG A 133 -6.46 21.25 14.43
N PHE A 134 -6.35 20.53 13.36
CA PHE A 134 -7.19 19.46 13.00
C PHE A 134 -7.10 18.29 13.97
N TYR A 135 -5.91 17.93 14.36
CA TYR A 135 -5.66 16.86 15.27
C TYR A 135 -5.86 17.26 16.74
N GLN A 136 -5.91 18.54 17.00
CA GLN A 136 -6.15 19.03 18.32
C GLN A 136 -7.61 19.08 18.55
N ASN A 137 -8.36 19.32 17.51
CA ASN A 137 -9.79 19.38 17.61
C ASN A 137 -10.48 18.07 17.45
N TRP A 138 -9.70 17.04 17.27
CA TRP A 138 -10.19 15.71 17.13
C TRP A 138 -10.64 15.08 18.41
N GLN A 139 -11.87 14.62 18.40
CA GLN A 139 -12.48 13.97 19.50
C GLN A 139 -12.64 12.52 19.16
N PRO A 140 -11.89 11.64 19.79
CA PRO A 140 -11.97 10.22 19.55
C PRO A 140 -13.32 9.54 19.69
N GLN A 141 -13.58 8.58 18.83
CA GLN A 141 -14.80 7.86 18.90
C GLN A 141 -14.66 6.67 19.79
N TRP A 142 -13.47 6.15 19.90
CA TRP A 142 -13.24 4.99 20.66
C TRP A 142 -11.90 5.18 21.32
N LYS A 143 -11.59 4.29 22.25
CA LYS A 143 -10.37 4.28 22.99
C LYS A 143 -9.35 3.85 22.03
N PRO A 144 -8.11 3.82 22.39
CA PRO A 144 -7.11 3.34 21.47
C PRO A 144 -6.86 1.86 21.66
N GLY A 145 -6.60 1.17 20.58
CA GLY A 145 -6.37 -0.25 20.62
C GLY A 145 -7.61 -1.08 20.69
N THR A 146 -8.73 -0.50 20.29
CA THR A 146 -9.95 -1.18 20.37
C THR A 146 -10.57 -1.33 19.02
N THR A 147 -10.48 -0.30 18.23
CA THR A 147 -11.11 -0.30 16.94
C THR A 147 -10.25 0.07 15.78
N ARG A 148 -10.40 -0.59 14.66
CA ARG A 148 -9.66 -0.27 13.46
C ARG A 148 -10.53 0.43 12.46
N LEU A 149 -10.11 1.57 12.03
CA LEU A 149 -10.81 2.31 11.03
C LEU A 149 -9.82 2.88 10.05
N TYR A 150 -9.77 2.31 8.88
CA TYR A 150 -8.88 2.75 7.84
C TYR A 150 -8.92 4.24 7.63
N ALA A 151 -7.78 4.88 7.64
CA ALA A 151 -7.74 6.29 7.49
C ALA A 151 -6.39 6.76 7.06
N ASN A 152 -6.31 7.82 6.28
CA ASN A 152 -5.06 8.36 5.87
C ASN A 152 -4.64 9.40 6.85
N ALA A 153 -5.55 9.81 7.67
CA ALA A 153 -5.28 10.74 8.71
C ALA A 153 -4.42 10.07 9.77
N SER A 154 -4.46 8.76 9.79
CA SER A 154 -3.74 7.90 10.70
C SER A 154 -2.36 7.57 10.25
N ILE A 155 -2.23 6.88 9.14
CA ILE A 155 -0.95 6.44 8.64
C ILE A 155 -0.20 7.55 7.94
N GLY A 156 -0.92 8.58 7.54
CA GLY A 156 -0.33 9.72 6.93
C GLY A 156 0.46 10.44 7.98
N LEU A 157 -0.10 10.51 9.16
CA LEU A 157 0.53 11.13 10.28
C LEU A 157 1.70 10.32 10.79
N PHE A 158 1.63 9.02 10.70
CA PHE A 158 2.71 8.14 11.09
C PHE A 158 3.96 8.40 10.26
N GLY A 159 3.78 8.46 8.95
CA GLY A 159 4.84 8.75 8.02
C GLY A 159 5.52 10.09 8.19
N ALA A 160 4.79 11.15 8.35
CA ALA A 160 5.38 12.42 8.52
C ALA A 160 6.22 12.44 9.76
N LEU A 161 5.77 11.79 10.79
CA LEU A 161 6.42 11.76 12.04
C LEU A 161 7.49 10.78 12.19
N ALA A 162 7.46 9.75 11.40
CA ALA A 162 8.44 8.73 11.51
C ALA A 162 9.68 9.12 10.78
N VAL A 163 9.62 10.17 10.02
CA VAL A 163 10.79 10.65 9.34
C VAL A 163 11.40 11.85 9.98
N LYS A 164 10.82 12.34 11.06
CA LYS A 164 11.34 13.52 11.74
C LYS A 164 12.74 13.39 12.35
N PRO A 165 13.05 12.31 13.04
CA PRO A 165 14.36 12.17 13.66
C PRO A 165 15.48 12.19 12.65
N SER A 166 15.12 11.83 11.46
CA SER A 166 15.92 11.80 10.28
C SER A 166 16.44 13.15 9.83
N GLY A 167 15.69 14.18 10.05
CA GLY A 167 16.00 15.50 9.60
C GLY A 167 15.83 15.65 8.13
N MET A 168 15.14 14.70 7.52
CA MET A 168 14.88 14.67 6.11
C MET A 168 13.41 14.76 5.77
N PRO A 169 13.06 15.41 4.69
CA PRO A 169 11.68 15.49 4.27
C PRO A 169 11.16 14.13 3.84
N TYR A 170 9.88 13.81 3.98
CA TYR A 170 9.38 12.49 3.66
C TYR A 170 9.74 11.97 2.31
N GLU A 171 9.67 12.81 1.30
CA GLU A 171 10.03 12.47 -0.06
C GLU A 171 11.46 12.01 -0.19
N GLN A 172 12.37 12.77 0.32
CA GLN A 172 13.75 12.44 0.24
C GLN A 172 14.06 11.24 1.03
N ALA A 173 13.45 11.13 2.17
CA ALA A 173 13.67 10.02 3.06
C ALA A 173 13.43 8.67 2.45
N MET A 174 12.33 8.53 1.76
CA MET A 174 11.92 7.36 1.06
C MET A 174 12.85 6.94 -0.06
N THR A 175 13.32 7.90 -0.83
CA THR A 175 14.23 7.65 -1.89
C THR A 175 15.58 7.12 -1.48
N THR A 176 16.19 7.75 -0.51
CA THR A 176 17.47 7.33 -0.05
C THR A 176 17.44 6.14 0.90
N ARG A 177 16.29 5.87 1.44
CA ARG A 177 16.12 4.80 2.38
C ARG A 177 15.39 3.57 1.94
N VAL A 178 14.42 3.70 1.07
CA VAL A 178 13.67 2.56 0.58
C VAL A 178 13.90 2.33 -0.91
N LEU A 179 13.63 3.35 -1.70
CA LEU A 179 13.75 3.34 -3.16
C LEU A 179 15.06 3.07 -3.82
N LYS A 180 16.08 3.80 -3.47
CA LYS A 180 17.35 3.62 -4.13
C LYS A 180 18.00 2.34 -3.80
N PRO A 181 17.96 1.97 -2.57
CA PRO A 181 18.56 0.74 -2.14
C PRO A 181 17.86 -0.45 -2.78
N LEU A 182 16.61 -0.28 -3.10
CA LEU A 182 15.82 -1.31 -3.75
C LEU A 182 15.82 -1.11 -5.24
N LYS A 183 16.44 -0.04 -5.67
CA LYS A 183 16.61 0.32 -7.03
C LYS A 183 15.34 0.55 -7.76
N LEU A 184 14.47 1.27 -7.12
CA LEU A 184 13.25 1.61 -7.68
C LEU A 184 13.50 3.03 -8.08
N ASP A 185 14.15 3.16 -9.22
CA ASP A 185 14.56 4.41 -9.76
C ASP A 185 13.52 5.03 -10.61
N HIS A 186 12.35 4.44 -10.61
CA HIS A 186 11.24 4.91 -11.38
C HIS A 186 9.96 4.89 -10.56
N THR A 187 10.08 5.08 -9.26
CA THR A 187 8.97 5.12 -8.36
C THR A 187 9.02 6.59 -7.89
N TRP A 188 7.93 7.31 -8.04
CA TRP A 188 7.86 8.73 -7.74
C TRP A 188 6.79 9.20 -6.85
N ILE A 189 7.08 10.25 -6.14
CA ILE A 189 6.06 10.87 -5.31
C ILE A 189 5.57 11.99 -6.21
N ASN A 190 6.51 12.63 -6.84
CA ASN A 190 6.25 13.66 -7.76
C ASN A 190 6.93 13.24 -9.05
N VAL A 191 6.17 13.02 -10.10
CA VAL A 191 6.71 12.61 -11.34
C VAL A 191 7.42 13.74 -12.05
N PRO A 192 8.68 13.56 -12.37
CA PRO A 192 9.43 14.56 -13.10
C PRO A 192 8.89 14.77 -14.48
N LYS A 193 9.23 15.87 -15.14
CA LYS A 193 8.80 16.21 -16.46
C LYS A 193 9.31 15.25 -17.46
N ALA A 194 10.45 14.67 -17.16
CA ALA A 194 11.14 13.75 -18.03
C ALA A 194 10.48 12.41 -18.16
N GLU A 195 9.71 12.07 -17.17
CA GLU A 195 9.03 10.80 -17.15
C GLU A 195 7.58 10.96 -17.35
N GLU A 196 7.19 12.15 -17.68
CA GLU A 196 5.84 12.54 -17.81
C GLU A 196 5.05 11.75 -18.79
N ALA A 197 5.66 11.40 -19.88
CA ALA A 197 5.01 10.70 -20.96
C ALA A 197 4.78 9.27 -20.66
N HIS A 198 5.23 8.86 -19.51
CA HIS A 198 5.07 7.51 -19.10
C HIS A 198 3.89 7.35 -18.23
N TYR A 199 3.43 8.47 -17.70
CA TYR A 199 2.29 8.60 -16.83
C TYR A 199 0.95 8.45 -17.55
N ALA A 200 0.22 7.40 -17.25
CA ALA A 200 -1.04 7.16 -17.86
C ALA A 200 -2.02 8.13 -17.28
N TRP A 201 -3.24 8.09 -17.76
CA TRP A 201 -4.27 8.93 -17.28
C TRP A 201 -5.19 7.97 -16.62
N GLY A 202 -5.84 8.42 -15.56
CA GLY A 202 -6.79 7.61 -14.88
C GLY A 202 -8.09 7.92 -15.52
N TYR A 203 -8.97 6.97 -15.55
CA TYR A 203 -10.29 7.13 -16.11
C TYR A 203 -11.35 6.84 -15.07
N ARG A 204 -12.20 7.81 -14.83
CA ARG A 204 -13.29 7.68 -13.91
C ARG A 204 -14.54 8.06 -14.61
N ASP A 205 -15.40 7.10 -14.86
CA ASP A 205 -16.66 7.34 -15.50
C ASP A 205 -16.48 7.93 -16.88
N GLY A 206 -15.54 7.42 -17.65
CA GLY A 206 -15.30 7.96 -18.95
C GLY A 206 -14.46 9.20 -19.01
N LYS A 207 -14.05 9.73 -17.88
CA LYS A 207 -13.27 10.94 -17.87
C LYS A 207 -11.85 10.68 -17.44
N ALA A 208 -10.91 11.44 -17.96
CA ALA A 208 -9.51 11.26 -17.66
C ALA A 208 -9.06 12.07 -16.51
N VAL A 209 -8.51 11.39 -15.52
CA VAL A 209 -8.08 12.02 -14.30
C VAL A 209 -6.74 11.60 -13.78
N ARG A 210 -6.32 12.30 -12.77
CA ARG A 210 -5.10 12.02 -12.14
C ARG A 210 -5.26 12.57 -10.77
N VAL A 211 -4.59 12.00 -9.82
CA VAL A 211 -4.69 12.39 -8.43
C VAL A 211 -4.38 13.81 -8.09
N SER A 212 -5.13 14.38 -7.18
CA SER A 212 -4.89 15.72 -6.76
C SER A 212 -4.15 15.74 -5.46
N PRO A 213 -3.42 16.82 -5.21
CA PRO A 213 -2.68 16.97 -3.97
C PRO A 213 -3.54 17.10 -2.76
N GLY A 214 -2.97 16.88 -1.61
CA GLY A 214 -3.69 16.98 -0.39
C GLY A 214 -2.69 16.77 0.66
N MET A 215 -2.87 17.31 1.83
CA MET A 215 -1.95 17.13 2.90
C MET A 215 -1.74 15.65 3.15
N LEU A 216 -0.50 15.30 3.39
CA LEU A 216 -0.10 13.94 3.63
C LEU A 216 -0.42 12.98 2.52
N ASP A 217 -0.39 13.42 1.30
CA ASP A 217 -0.65 12.55 0.20
C ASP A 217 0.41 11.56 -0.12
N ALA A 218 1.66 11.97 -0.01
CA ALA A 218 2.80 11.13 -0.26
C ALA A 218 2.86 9.92 0.63
N GLN A 219 2.53 10.14 1.88
CA GLN A 219 2.50 9.15 2.91
C GLN A 219 1.33 8.21 2.81
N ALA A 220 0.23 8.70 2.31
CA ALA A 220 -0.95 7.93 2.21
C ALA A 220 -1.35 7.42 0.89
N TYR A 221 -1.22 8.21 -0.16
CA TYR A 221 -1.68 7.77 -1.44
C TYR A 221 -1.04 8.34 -2.68
N GLY A 222 0.18 8.82 -2.60
CA GLY A 222 0.75 9.42 -3.75
C GLY A 222 1.91 8.86 -4.47
N VAL A 223 2.14 7.58 -4.34
CA VAL A 223 3.23 6.98 -5.02
C VAL A 223 2.79 6.51 -6.40
N LYS A 224 3.70 6.59 -7.37
CA LYS A 224 3.48 6.19 -8.74
C LYS A 224 4.66 5.37 -9.24
N THR A 225 4.42 4.32 -9.97
CA THR A 225 5.46 3.47 -10.47
C THR A 225 4.97 2.66 -11.63
N ASN A 226 5.84 1.83 -12.16
CA ASN A 226 5.52 0.91 -13.20
C ASN A 226 5.54 -0.49 -12.67
N VAL A 227 5.10 -1.43 -13.47
CA VAL A 227 5.00 -2.82 -13.12
C VAL A 227 6.32 -3.47 -12.88
N GLN A 228 7.39 -2.88 -13.37
CA GLN A 228 8.71 -3.41 -13.17
C GLN A 228 9.25 -3.12 -11.81
N ASP A 229 9.13 -1.89 -11.40
CA ASP A 229 9.56 -1.43 -10.13
C ASP A 229 8.66 -1.94 -9.06
N MET A 230 7.43 -2.27 -9.42
CA MET A 230 6.44 -2.73 -8.50
C MET A 230 6.62 -4.18 -8.23
N ALA A 231 7.17 -4.88 -9.17
CA ALA A 231 7.42 -6.26 -9.05
C ALA A 231 8.66 -6.46 -8.26
N ASN A 232 9.54 -5.50 -8.29
CA ASN A 232 10.76 -5.56 -7.56
C ASN A 232 10.51 -5.23 -6.11
N TRP A 233 9.46 -4.49 -5.87
CA TRP A 233 9.02 -4.09 -4.58
C TRP A 233 8.41 -5.28 -3.92
N VAL A 234 7.75 -6.11 -4.67
CA VAL A 234 7.10 -7.29 -4.17
C VAL A 234 8.07 -8.40 -3.88
N MET A 235 9.13 -8.43 -4.65
CA MET A 235 10.12 -9.43 -4.51
C MET A 235 10.99 -9.15 -3.35
N ALA A 236 11.03 -7.89 -2.98
CA ALA A 236 11.83 -7.44 -1.88
C ALA A 236 11.06 -7.62 -0.59
N ASN A 237 9.77 -7.62 -0.72
CA ASN A 237 8.98 -7.82 0.42
C ASN A 237 8.75 -9.32 0.67
N MET A 238 8.65 -10.07 -0.39
CA MET A 238 8.47 -11.47 -0.40
C MET A 238 9.71 -12.23 -0.04
N ALA A 239 10.86 -11.66 -0.22
CA ALA A 239 12.12 -12.30 0.12
C ALA A 239 13.10 -11.28 0.61
N PRO A 240 12.80 -10.67 1.74
CA PRO A 240 13.65 -9.66 2.32
C PRO A 240 15.07 -10.06 2.61
N GLU A 241 15.37 -11.33 2.62
CA GLU A 241 16.67 -11.87 2.91
C GLU A 241 17.76 -11.47 1.94
N ASN A 242 17.35 -11.27 0.72
CA ASN A 242 18.23 -10.87 -0.30
C ASN A 242 18.42 -9.39 -0.29
N VAL A 243 17.85 -8.72 0.68
CA VAL A 243 17.98 -7.29 0.77
C VAL A 243 19.16 -6.93 1.60
N ALA A 244 20.10 -6.27 0.97
CA ALA A 244 21.36 -5.86 1.55
C ALA A 244 21.36 -4.83 2.67
N ASP A 245 20.48 -3.85 2.58
CA ASP A 245 20.34 -2.84 3.55
C ASP A 245 19.85 -3.52 4.75
N ALA A 246 20.51 -3.31 5.85
CA ALA A 246 20.18 -3.99 7.06
C ALA A 246 19.02 -3.43 7.80
N SER A 247 18.75 -2.15 7.63
CA SER A 247 17.65 -1.54 8.30
C SER A 247 16.41 -1.79 7.49
N LEU A 248 16.57 -1.76 6.18
CA LEU A 248 15.50 -1.97 5.26
C LEU A 248 14.93 -3.33 5.43
N LYS A 249 15.79 -4.28 5.54
CA LYS A 249 15.43 -5.66 5.72
C LYS A 249 14.68 -5.88 6.99
N GLN A 250 15.05 -5.24 8.06
CA GLN A 250 14.38 -5.40 9.32
C GLN A 250 13.06 -4.71 9.29
N GLY A 251 12.97 -3.67 8.50
CA GLY A 251 11.78 -2.87 8.36
C GLY A 251 10.71 -3.42 7.51
N ILE A 252 11.11 -4.19 6.54
CA ILE A 252 10.22 -4.83 5.65
C ILE A 252 9.54 -5.89 6.45
N ALA A 253 10.29 -6.46 7.37
CA ALA A 253 9.82 -7.51 8.23
C ALA A 253 8.92 -7.06 9.34
N LEU A 254 9.11 -5.82 9.79
CA LEU A 254 8.35 -5.17 10.80
C LEU A 254 7.01 -4.83 10.29
N ALA A 255 6.97 -4.57 9.01
CA ALA A 255 5.79 -4.24 8.26
C ALA A 255 4.83 -5.38 7.97
N GLN A 256 5.35 -6.60 7.97
CA GLN A 256 4.60 -7.79 7.73
C GLN A 256 4.34 -8.51 8.99
N SER A 257 4.64 -7.90 10.09
CA SER A 257 4.44 -8.48 11.39
C SER A 257 3.02 -8.23 11.76
N ARG A 258 2.50 -9.00 12.70
CA ARG A 258 1.12 -8.92 13.14
C ARG A 258 0.91 -8.13 14.36
N TYR A 259 0.11 -7.09 14.26
CA TYR A 259 -0.21 -6.25 15.36
C TYR A 259 -1.66 -6.34 15.84
N TRP A 260 -2.61 -6.59 14.96
CA TRP A 260 -3.99 -6.76 15.31
C TRP A 260 -4.60 -7.75 14.37
N ARG A 261 -5.61 -8.45 14.85
CA ARG A 261 -6.39 -9.40 14.07
C ARG A 261 -7.76 -8.82 13.98
N ILE A 262 -8.31 -8.81 12.78
CA ILE A 262 -9.62 -8.29 12.56
C ILE A 262 -10.25 -9.27 11.68
N GLY A 263 -10.91 -10.20 12.29
CA GLY A 263 -11.54 -11.28 11.59
C GLY A 263 -10.49 -12.26 11.29
N SER A 264 -10.34 -12.51 10.03
CA SER A 264 -9.37 -13.41 9.49
C SER A 264 -8.20 -12.63 8.95
N MET A 265 -8.21 -11.35 9.17
CA MET A 265 -7.19 -10.44 8.71
C MET A 265 -6.22 -10.00 9.78
N TYR A 266 -5.02 -9.64 9.39
CA TYR A 266 -4.01 -9.18 10.30
C TYR A 266 -3.47 -7.94 9.77
N GLN A 267 -3.32 -6.98 10.64
CA GLN A 267 -2.81 -5.69 10.33
C GLN A 267 -1.32 -5.53 10.55
N GLY A 268 -0.61 -5.15 9.49
CA GLY A 268 0.81 -4.90 9.54
C GLY A 268 1.09 -3.43 9.35
N LEU A 269 2.32 -3.05 9.05
CA LEU A 269 2.63 -1.66 8.80
C LEU A 269 2.43 -1.38 7.32
N GLY A 270 1.22 -1.08 6.97
CA GLY A 270 0.85 -0.86 5.61
C GLY A 270 0.36 -2.11 4.94
N TRP A 271 1.01 -3.22 5.17
CA TRP A 271 0.60 -4.44 4.55
C TRP A 271 -0.53 -5.07 5.29
N GLU A 272 -1.25 -5.96 4.63
CA GLU A 272 -2.32 -6.65 5.27
C GLU A 272 -2.09 -8.13 5.02
N MET A 273 -2.38 -8.97 5.98
CA MET A 273 -2.10 -10.37 5.81
C MET A 273 -3.15 -11.32 6.28
N LEU A 274 -3.06 -12.53 5.79
CA LEU A 274 -3.91 -13.63 6.14
C LEU A 274 -3.01 -14.83 6.15
N ASN A 275 -3.30 -15.82 6.95
CA ASN A 275 -2.54 -17.05 7.01
C ASN A 275 -2.82 -17.89 5.81
N TRP A 276 -1.83 -18.47 5.18
CA TRP A 276 -2.01 -19.31 4.05
C TRP A 276 -2.00 -20.69 4.59
N PRO A 277 -2.92 -21.55 4.20
CA PRO A 277 -3.90 -21.36 3.14
C PRO A 277 -5.14 -20.61 3.36
N VAL A 278 -5.62 -20.00 2.31
CA VAL A 278 -6.89 -19.30 2.39
C VAL A 278 -7.72 -19.59 1.22
N GLU A 279 -9.01 -19.53 1.47
CA GLU A 279 -9.98 -19.73 0.47
C GLU A 279 -10.16 -18.35 -0.09
N ALA A 280 -10.60 -18.27 -1.32
CA ALA A 280 -10.81 -17.03 -2.00
C ALA A 280 -11.89 -16.22 -1.36
N ASN A 281 -12.94 -16.87 -0.93
CA ASN A 281 -14.01 -16.18 -0.31
C ASN A 281 -13.63 -15.44 0.94
N THR A 282 -12.53 -15.80 1.55
CA THR A 282 -12.10 -15.12 2.73
C THR A 282 -11.37 -13.85 2.39
N VAL A 283 -10.64 -13.82 1.30
CA VAL A 283 -9.90 -12.64 0.92
C VAL A 283 -10.84 -11.65 0.29
N VAL A 284 -11.81 -12.15 -0.42
CA VAL A 284 -12.76 -11.33 -1.09
C VAL A 284 -13.83 -10.77 -0.20
N GLU A 285 -14.11 -11.44 0.89
CA GLU A 285 -15.12 -10.95 1.76
C GLU A 285 -14.64 -9.68 2.41
N GLY A 286 -13.40 -9.63 2.83
CA GLY A 286 -12.89 -8.47 3.49
C GLY A 286 -12.36 -7.36 2.62
N SER A 287 -12.28 -7.60 1.34
CA SER A 287 -11.78 -6.65 0.38
C SER A 287 -12.89 -5.73 -0.03
N ASP A 288 -14.09 -6.21 0.13
CA ASP A 288 -15.19 -5.42 -0.22
C ASP A 288 -15.23 -4.23 0.72
N SER A 289 -15.35 -3.07 0.15
CA SER A 289 -15.31 -1.83 0.86
C SER A 289 -16.21 -1.65 2.00
N LYS A 290 -17.29 -2.39 2.05
CA LYS A 290 -18.21 -2.28 3.12
C LYS A 290 -17.59 -2.83 4.36
N VAL A 291 -16.55 -3.61 4.23
CA VAL A 291 -15.89 -4.18 5.38
C VAL A 291 -14.58 -3.51 5.56
N ALA A 292 -13.93 -3.22 4.46
CA ALA A 292 -12.65 -2.61 4.49
C ALA A 292 -12.61 -1.23 5.12
N LEU A 293 -13.61 -0.42 4.84
CA LEU A 293 -13.62 0.91 5.38
C LEU A 293 -14.45 1.13 6.58
N ALA A 294 -15.12 0.11 7.06
CA ALA A 294 -15.92 0.18 8.24
C ALA A 294 -15.06 0.03 9.45
N PRO A 295 -15.57 0.41 10.59
CA PRO A 295 -14.82 0.28 11.82
C PRO A 295 -15.06 -1.03 12.52
N LEU A 296 -14.00 -1.77 12.69
CA LEU A 296 -14.08 -3.03 13.31
C LEU A 296 -13.23 -3.22 14.56
N PRO A 297 -13.69 -4.07 15.45
CA PRO A 297 -12.98 -4.36 16.68
C PRO A 297 -11.74 -5.13 16.43
N VAL A 298 -10.73 -4.87 17.22
CA VAL A 298 -9.46 -5.49 17.04
C VAL A 298 -9.08 -6.33 18.18
N ALA A 299 -8.32 -7.34 17.87
CA ALA A 299 -7.80 -8.26 18.83
C ALA A 299 -6.33 -8.06 18.75
N GLU A 300 -5.78 -7.58 19.80
CA GLU A 300 -4.39 -7.32 19.86
C GLU A 300 -3.54 -8.54 19.79
N VAL A 301 -2.42 -8.41 19.12
CA VAL A 301 -1.46 -9.43 19.04
C VAL A 301 -0.35 -8.81 19.79
N ASN A 302 -0.04 -9.34 20.97
CA ASN A 302 1.03 -8.84 21.80
C ASN A 302 1.74 -9.88 22.63
N PRO A 303 3.06 -9.98 22.52
CA PRO A 303 3.84 -9.15 21.63
C PRO A 303 3.38 -9.27 20.20
N PRO A 304 3.78 -8.43 19.30
CA PRO A 304 3.35 -8.63 17.94
C PRO A 304 3.96 -9.85 17.39
N ALA A 305 3.30 -10.48 16.44
CA ALA A 305 3.83 -11.64 15.84
C ALA A 305 4.76 -11.30 14.73
N PRO A 306 5.95 -11.86 14.74
CA PRO A 306 6.88 -11.62 13.67
C PRO A 306 6.34 -12.18 12.39
N PRO A 307 6.85 -11.76 11.26
CA PRO A 307 6.30 -12.18 9.97
C PRO A 307 6.28 -13.66 9.65
N VAL A 308 5.14 -14.12 9.15
CA VAL A 308 4.89 -15.51 8.81
C VAL A 308 5.01 -15.69 7.31
N LYS A 309 5.84 -16.62 6.91
CA LYS A 309 6.09 -16.94 5.53
C LYS A 309 4.87 -17.49 4.87
N ALA A 310 4.12 -18.22 5.61
CA ALA A 310 2.89 -18.86 5.12
C ALA A 310 1.73 -17.88 5.34
N SER A 311 1.74 -16.81 4.57
CA SER A 311 0.72 -15.79 4.65
C SER A 311 0.32 -15.35 3.29
N TRP A 312 -0.83 -14.71 3.21
CA TRP A 312 -1.30 -14.09 2.01
C TRP A 312 -1.16 -12.61 2.27
N VAL A 313 -0.09 -12.02 1.79
CA VAL A 313 0.20 -10.60 1.98
C VAL A 313 -0.35 -9.79 0.82
N HIS A 314 -1.07 -8.74 1.12
CA HIS A 314 -1.64 -7.95 0.09
C HIS A 314 -1.96 -6.52 0.40
N LYS A 315 -2.35 -5.80 -0.63
CA LYS A 315 -2.76 -4.42 -0.53
C LYS A 315 -3.45 -3.94 -1.76
N THR A 316 -4.56 -3.26 -1.59
CA THR A 316 -5.28 -2.71 -2.67
C THR A 316 -5.02 -1.25 -2.64
N GLY A 317 -5.16 -0.60 -3.76
CA GLY A 317 -4.94 0.80 -3.81
C GLY A 317 -5.75 1.42 -4.87
N SER A 318 -6.38 2.52 -4.55
CA SER A 318 -7.21 3.20 -5.47
C SER A 318 -7.09 4.67 -5.34
N THR A 319 -7.33 5.34 -6.44
CA THR A 319 -7.38 6.76 -6.56
C THR A 319 -8.59 6.86 -7.41
N GLY A 320 -8.94 8.04 -7.83
CA GLY A 320 -10.10 8.22 -8.65
C GLY A 320 -10.10 7.58 -10.00
N GLY A 321 -8.96 7.30 -10.55
CA GLY A 321 -8.95 6.69 -11.82
C GLY A 321 -8.08 5.53 -12.01
N PHE A 322 -7.38 5.10 -11.00
CA PHE A 322 -6.46 4.00 -11.12
C PHE A 322 -6.80 2.98 -10.07
N GLY A 323 -6.58 1.72 -10.37
CA GLY A 323 -6.90 0.64 -9.47
C GLY A 323 -5.87 -0.45 -9.41
N SER A 324 -5.22 -0.57 -8.28
CA SER A 324 -4.19 -1.56 -8.11
C SER A 324 -4.38 -2.63 -7.06
N TYR A 325 -3.59 -3.66 -7.13
CA TYR A 325 -3.64 -4.73 -6.19
C TYR A 325 -2.32 -5.42 -6.26
N VAL A 326 -1.87 -5.92 -5.13
CA VAL A 326 -0.65 -6.66 -4.98
C VAL A 326 -0.89 -7.72 -3.93
N ALA A 327 -0.41 -8.92 -4.18
CA ALA A 327 -0.56 -10.04 -3.27
C ALA A 327 0.53 -11.06 -3.48
N PHE A 328 1.10 -11.62 -2.43
CA PHE A 328 2.15 -12.60 -2.58
C PHE A 328 2.17 -13.61 -1.48
N ILE A 329 2.78 -14.75 -1.70
CA ILE A 329 2.89 -15.77 -0.68
C ILE A 329 4.34 -16.14 -0.48
N PRO A 330 4.98 -15.65 0.57
CA PRO A 330 6.40 -15.92 0.79
C PRO A 330 6.85 -17.36 0.89
N GLU A 331 5.98 -18.25 1.29
CA GLU A 331 6.24 -19.64 1.43
C GLU A 331 6.40 -20.25 0.08
N LYS A 332 5.47 -19.97 -0.79
CA LYS A 332 5.50 -20.50 -2.12
C LYS A 332 6.37 -19.69 -3.03
N GLN A 333 6.55 -18.44 -2.67
CA GLN A 333 7.40 -17.54 -3.39
C GLN A 333 6.79 -17.11 -4.68
N ILE A 334 5.49 -16.94 -4.66
CA ILE A 334 4.73 -16.50 -5.79
C ILE A 334 4.07 -15.16 -5.50
N GLY A 335 3.96 -14.31 -6.48
CA GLY A 335 3.38 -13.01 -6.30
C GLY A 335 2.73 -12.44 -7.51
N ILE A 336 2.09 -11.31 -7.37
CA ILE A 336 1.43 -10.70 -8.50
C ILE A 336 1.20 -9.20 -8.36
N VAL A 337 1.31 -8.46 -9.43
CA VAL A 337 1.04 -7.05 -9.47
C VAL A 337 0.03 -6.88 -10.57
N MET A 338 -0.93 -6.02 -10.36
CA MET A 338 -1.98 -5.71 -11.30
C MET A 338 -2.23 -4.23 -11.25
N LEU A 339 -1.69 -3.50 -12.19
CA LEU A 339 -1.81 -2.03 -12.28
C LEU A 339 -2.80 -1.65 -13.34
N ALA A 340 -3.80 -0.89 -12.97
CA ALA A 340 -4.86 -0.52 -13.84
C ALA A 340 -5.26 0.94 -13.78
N ASN A 341 -5.74 1.46 -14.87
CA ASN A 341 -6.19 2.82 -14.93
C ASN A 341 -7.69 3.03 -14.89
N THR A 342 -8.32 2.29 -14.00
CA THR A 342 -9.72 2.36 -13.65
C THR A 342 -9.80 1.73 -12.32
N SER A 343 -10.60 2.30 -11.47
CA SER A 343 -10.77 1.77 -10.16
C SER A 343 -12.04 0.96 -10.21
N TYR A 344 -11.84 -0.33 -10.34
CA TYR A 344 -12.85 -1.31 -10.40
C TYR A 344 -12.93 -1.90 -9.04
N PRO A 345 -14.05 -2.68 -8.80
CA PRO A 345 -14.18 -3.17 -7.44
C PRO A 345 -13.11 -4.05 -6.87
N ASN A 346 -12.83 -3.87 -5.62
CA ASN A 346 -11.80 -4.62 -4.96
C ASN A 346 -12.00 -6.09 -4.94
N PRO A 347 -13.18 -6.57 -4.70
CA PRO A 347 -13.34 -8.01 -4.75
C PRO A 347 -13.03 -8.61 -6.10
N ALA A 348 -13.01 -7.82 -7.16
CA ALA A 348 -12.72 -8.28 -8.50
C ALA A 348 -11.24 -8.47 -8.80
N ARG A 349 -10.42 -7.63 -8.18
CA ARG A 349 -8.99 -7.71 -8.17
C ARG A 349 -8.51 -8.91 -7.34
N VAL A 350 -9.10 -9.10 -6.18
CA VAL A 350 -8.82 -10.22 -5.34
C VAL A 350 -9.22 -11.48 -6.05
N GLU A 351 -10.40 -11.52 -6.62
CA GLU A 351 -10.83 -12.70 -7.33
C GLU A 351 -9.90 -13.13 -8.44
N ALA A 352 -9.39 -12.19 -9.21
CA ALA A 352 -8.49 -12.39 -10.30
C ALA A 352 -7.08 -12.73 -9.97
N ALA A 353 -6.61 -12.27 -8.85
CA ALA A 353 -5.28 -12.52 -8.47
C ALA A 353 -5.17 -13.91 -7.90
N TYR A 354 -6.22 -14.30 -7.20
CA TYR A 354 -6.28 -15.58 -6.57
C TYR A 354 -6.21 -16.67 -7.58
N HIS A 355 -6.96 -16.50 -8.62
CA HIS A 355 -7.07 -17.42 -9.69
C HIS A 355 -5.79 -17.67 -10.46
N ILE A 356 -5.09 -16.61 -10.72
CA ILE A 356 -3.88 -16.60 -11.45
C ILE A 356 -2.85 -17.27 -10.63
N LEU A 357 -2.82 -16.97 -9.36
CA LEU A 357 -1.83 -17.50 -8.48
C LEU A 357 -2.06 -18.90 -8.13
N GLU A 358 -3.27 -19.34 -8.31
CA GLU A 358 -3.64 -20.68 -7.99
C GLU A 358 -3.12 -21.63 -9.03
N ALA A 359 -2.67 -21.07 -10.11
CA ALA A 359 -2.14 -21.85 -11.18
C ALA A 359 -0.70 -22.20 -10.94
N LEU A 360 -0.09 -21.58 -9.96
CA LEU A 360 1.28 -21.86 -9.66
C LEU A 360 1.46 -22.66 -8.40
#